data_5DIG
#
_entry.id   5DIG
#
_cell.length_a   56.261
_cell.length_b   84.179
_cell.length_c   58.905
_cell.angle_alpha   90.000
_cell.angle_beta   108.930
_cell.angle_gamma   90.000
#
_symmetry.space_group_name_H-M   'P 1 21 1'
#
loop_
_entity.id
_entity.type
_entity.pdbx_description
1 polymer 'Estrogen receptor'
2 polymer 'Nuclear receptor coactivator 2'
3 non-polymer (1S,3aR,5S,7aS)-5-[4-hydroxy-2-(trifluoromethyl)phenyl]-7a-methyloctahydro-1H-inden-1-ol
4 water water
#
loop_
_entity_poly.entity_id
_entity_poly.type
_entity_poly.pdbx_seq_one_letter_code
_entity_poly.pdbx_strand_id
1 'polypeptide(L)'
;IKRSKKNSLALSLTADQMVSALLDAEPPILYSEYDPTRPFSEASMMGLLTNLADRELVHMINWAKRVPGFVDLTLHDQVH
LLECAWLEILMIGLVWRSMEHPGKLLFAPNLLLDRNQGKCVEGMVEIFDMLLATSSRFRMMNLQGEEFVCLKSIILLNSG
VYTFLSSTLKSLEEKDHIHRVLDKITDTLIHLMAKAGLTLQQQHQRLAQLLLILSHIRHMSNKGMEHLYSMKCKNVVPLS
DLLLEMLDAHRLHAPTS
;
A,B
2 'polypeptide(L)' KHKILHRLLQDSSS C,D
#
loop_
_chem_comp.id
_chem_comp.type
_chem_comp.name
_chem_comp.formula
5CE non-polymer (1S,3aR,5S,7aS)-5-[4-hydroxy-2-(trifluoromethyl)phenyl]-7a-methyloctahydro-1H-inden-1-ol 'C17 H21 F3 O2'
#
# COMPACT_ATOMS: atom_id res chain seq x y z
N LYS A 6 -27.61 -12.21 -3.60
CA LYS A 6 -28.35 -13.01 -4.56
C LYS A 6 -27.54 -14.22 -5.00
N ASN A 7 -26.93 -14.90 -4.02
CA ASN A 7 -25.95 -15.99 -4.20
C ASN A 7 -24.83 -15.71 -5.23
N SER A 8 -25.13 -14.90 -6.24
CA SER A 8 -24.13 -14.31 -7.13
C SER A 8 -23.41 -15.31 -8.04
N LEU A 9 -23.40 -15.03 -9.34
CA LEU A 9 -22.72 -15.86 -10.30
C LEU A 9 -21.20 -15.81 -10.09
N ALA A 10 -20.73 -14.73 -9.48
CA ALA A 10 -19.31 -14.54 -9.22
C ALA A 10 -18.74 -15.62 -8.30
N LEU A 11 -19.45 -15.90 -7.21
CA LEU A 11 -19.00 -16.91 -6.26
C LEU A 11 -19.19 -18.32 -6.82
N SER A 12 -20.10 -18.44 -7.79
CA SER A 12 -20.38 -19.73 -8.41
C SER A 12 -19.48 -19.97 -9.61
N LEU A 13 -18.34 -19.27 -9.66
CA LEU A 13 -17.36 -19.45 -10.71
C LEU A 13 -16.22 -20.36 -10.26
N THR A 14 -15.81 -21.28 -11.12
CA THR A 14 -14.62 -22.08 -10.84
C THR A 14 -13.40 -21.18 -11.01
N ALA A 15 -12.25 -21.68 -10.58
CA ALA A 15 -11.00 -20.93 -10.74
C ALA A 15 -10.71 -20.69 -12.22
N ASP A 16 -10.91 -21.73 -13.03
CA ASP A 16 -10.71 -21.63 -14.48
C ASP A 16 -11.71 -20.66 -15.11
N GLN A 17 -12.92 -20.63 -14.58
CA GLN A 17 -13.94 -19.70 -15.05
C GLN A 17 -13.57 -18.26 -14.67
N MET A 18 -12.93 -18.10 -13.52
CA MET A 18 -12.48 -16.80 -13.07
C MET A 18 -11.39 -16.26 -13.98
N VAL A 19 -10.42 -17.12 -14.30
CA VAL A 19 -9.31 -16.75 -15.17
C VAL A 19 -9.78 -16.36 -16.57
N SER A 20 -10.63 -17.19 -17.16
CA SER A 20 -11.14 -16.96 -18.51
C SER A 20 -11.87 -15.63 -18.63
N ALA A 21 -12.73 -15.34 -17.66
CA ALA A 21 -13.50 -14.10 -17.65
C ALA A 21 -12.57 -12.88 -17.57
N LEU A 22 -11.56 -12.97 -16.71
CA LEU A 22 -10.63 -11.87 -16.51
C LEU A 22 -9.74 -11.65 -17.72
N LEU A 23 -9.28 -12.73 -18.34
CA LEU A 23 -8.45 -12.65 -19.53
C LEU A 23 -9.21 -12.03 -20.69
N ASP A 24 -10.49 -12.39 -20.82
CA ASP A 24 -11.32 -11.87 -21.89
C ASP A 24 -11.65 -10.39 -21.69
N ALA A 25 -11.73 -9.97 -20.44
CA ALA A 25 -12.10 -8.60 -20.11
C ALA A 25 -10.96 -7.62 -20.32
N GLU A 26 -9.77 -8.15 -20.61
CA GLU A 26 -8.57 -7.34 -20.75
C GLU A 26 -8.72 -6.24 -21.81
N PRO A 27 -8.36 -5.01 -21.44
CA PRO A 27 -8.39 -3.87 -22.36
C PRO A 27 -7.26 -3.97 -23.37
N PRO A 28 -7.42 -3.31 -24.53
CA PRO A 28 -6.36 -3.33 -25.55
C PRO A 28 -5.21 -2.40 -25.21
N ILE A 29 -4.10 -2.54 -25.91
CA ILE A 29 -2.99 -1.62 -25.75
C ILE A 29 -3.17 -0.44 -26.70
N LEU A 30 -3.30 0.75 -26.14
CA LEU A 30 -3.55 1.95 -26.92
C LEU A 30 -2.25 2.61 -27.38
N TYR A 31 -2.35 3.46 -28.39
CA TYR A 31 -1.19 4.19 -28.89
C TYR A 31 -1.16 5.61 -28.37
N SER A 32 0.04 6.18 -28.29
CA SER A 32 0.23 7.56 -27.88
C SER A 32 0.06 8.51 -29.06
N GLU A 33 -0.11 9.80 -28.75
CA GLU A 33 -0.15 10.83 -29.79
C GLU A 33 1.25 11.38 -30.04
N TYR A 34 2.26 10.55 -29.75
CA TYR A 34 3.65 10.97 -29.85
C TYR A 34 4.02 11.45 -31.25
N ASP A 35 4.47 12.71 -31.32
CA ASP A 35 4.94 13.29 -32.57
C ASP A 35 6.46 13.43 -32.53
N PRO A 36 7.16 12.61 -33.34
CA PRO A 36 8.62 12.58 -33.36
C PRO A 36 9.25 13.72 -34.16
N THR A 37 8.44 14.69 -34.58
CA THR A 37 8.94 15.82 -35.36
C THR A 37 9.34 16.98 -34.46
N ARG A 38 8.93 16.92 -33.20
CA ARG A 38 9.20 17.99 -32.25
C ARG A 38 9.91 17.45 -31.01
N PRO A 39 10.79 18.26 -30.41
CA PRO A 39 11.47 17.88 -29.17
C PRO A 39 10.49 17.81 -28.00
N PHE A 40 10.90 17.11 -26.95
CA PHE A 40 10.08 17.01 -25.74
C PHE A 40 10.24 18.24 -24.86
N SER A 41 9.12 18.72 -24.34
CA SER A 41 9.14 19.71 -23.27
C SER A 41 8.39 19.11 -22.09
N GLU A 42 8.43 19.78 -20.94
CA GLU A 42 7.70 19.31 -19.78
C GLU A 42 6.20 19.27 -20.06
N ALA A 43 5.72 20.30 -20.74
CA ALA A 43 4.30 20.42 -21.07
C ALA A 43 3.86 19.37 -22.08
N SER A 44 4.64 19.20 -23.15
CA SER A 44 4.27 18.27 -24.22
C SER A 44 4.32 16.82 -23.74
N MET A 45 5.26 16.50 -22.86
CA MET A 45 5.35 15.15 -22.33
C MET A 45 4.22 14.87 -21.35
N MET A 46 3.92 15.86 -20.49
CA MET A 46 2.80 15.75 -19.58
C MET A 46 1.49 15.63 -20.34
N GLY A 47 1.37 16.38 -21.43
CA GLY A 47 0.21 16.31 -22.29
C GLY A 47 0.06 14.94 -22.92
N LEU A 48 1.18 14.38 -23.35
CA LEU A 48 1.20 13.08 -24.01
C LEU A 48 0.71 11.97 -23.06
N LEU A 49 1.23 11.98 -21.83
CA LEU A 49 0.91 10.94 -20.86
C LEU A 49 -0.51 11.04 -20.32
N THR A 50 -0.97 12.27 -20.10
CA THR A 50 -2.32 12.48 -19.59
C THR A 50 -3.37 12.22 -20.67
N ASN A 51 -3.04 12.53 -21.92
CA ASN A 51 -3.90 12.19 -23.04
C ASN A 51 -4.12 10.69 -23.13
N LEU A 52 -3.02 9.94 -22.96
CA LEU A 52 -3.05 8.49 -22.97
C LEU A 52 -3.88 7.93 -21.81
N ALA A 53 -3.62 8.45 -20.61
CA ALA A 53 -4.33 8.01 -19.41
C ALA A 53 -5.83 8.19 -19.56
N ASP A 54 -6.22 9.31 -20.17
CA ASP A 54 -7.63 9.62 -20.37
C ASP A 54 -8.32 8.57 -21.24
N ARG A 55 -7.67 8.18 -22.34
CA ARG A 55 -8.25 7.18 -23.23
C ARG A 55 -8.21 5.80 -22.61
N GLU A 56 -7.18 5.51 -21.81
CA GLU A 56 -7.11 4.25 -21.07
C GLU A 56 -8.22 4.16 -20.03
N LEU A 57 -8.57 5.30 -19.42
CA LEU A 57 -9.61 5.34 -18.40
C LEU A 57 -10.97 4.88 -18.94
N VAL A 58 -11.27 5.27 -20.18
CA VAL A 58 -12.53 4.87 -20.81
C VAL A 58 -12.62 3.35 -20.95
N HIS A 59 -11.50 2.73 -21.32
CA HIS A 59 -11.45 1.28 -21.44
C HIS A 59 -11.46 0.60 -20.06
N MET A 60 -10.88 1.29 -19.06
CA MET A 60 -10.83 0.73 -17.72
C MET A 60 -12.22 0.62 -17.11
N ILE A 61 -13.02 1.65 -17.33
CA ILE A 61 -14.38 1.70 -16.79
C ILE A 61 -15.21 0.52 -17.31
N ASN A 62 -15.07 0.23 -18.59
CA ASN A 62 -15.77 -0.89 -19.20
C ASN A 62 -15.14 -2.24 -18.83
N TRP A 63 -13.85 -2.23 -18.53
CA TRP A 63 -13.19 -3.44 -18.04
C TRP A 63 -13.68 -3.79 -16.64
N ALA A 64 -13.87 -2.77 -15.81
CA ALA A 64 -14.31 -2.95 -14.44
C ALA A 64 -15.67 -3.63 -14.38
N LYS A 65 -16.57 -3.24 -15.29
CA LYS A 65 -17.91 -3.80 -15.34
C LYS A 65 -17.91 -5.28 -15.72
N ARG A 66 -16.80 -5.76 -16.26
CA ARG A 66 -16.68 -7.17 -16.62
C ARG A 66 -15.92 -7.96 -15.56
N VAL A 67 -15.38 -7.27 -14.56
CA VAL A 67 -14.78 -7.93 -13.41
C VAL A 67 -15.89 -8.54 -12.55
N PRO A 68 -15.84 -9.86 -12.36
CA PRO A 68 -16.89 -10.61 -11.64
C PRO A 68 -17.25 -10.00 -10.30
N GLY A 69 -18.53 -9.68 -10.10
CA GLY A 69 -19.01 -9.15 -8.84
C GLY A 69 -19.09 -7.63 -8.79
N PHE A 70 -18.41 -6.96 -9.71
CA PHE A 70 -18.33 -5.50 -9.69
C PHE A 70 -19.68 -4.82 -9.94
N VAL A 71 -20.43 -5.30 -10.92
CA VAL A 71 -21.70 -4.67 -11.28
C VAL A 71 -22.81 -5.02 -10.30
N ASP A 72 -22.51 -5.89 -9.35
CA ASP A 72 -23.45 -6.22 -8.28
C ASP A 72 -23.51 -5.07 -7.26
N LEU A 73 -22.51 -4.21 -7.29
CA LEU A 73 -22.45 -3.06 -6.39
C LEU A 73 -23.33 -1.93 -6.92
N THR A 74 -23.85 -1.10 -6.03
CA THR A 74 -24.61 0.05 -6.48
C THR A 74 -23.67 1.00 -7.20
N LEU A 75 -24.18 2.03 -7.86
CA LEU A 75 -23.30 2.86 -8.65
C LEU A 75 -22.30 3.66 -7.79
N HIS A 76 -22.66 3.89 -6.52
CA HIS A 76 -21.91 4.81 -5.69
CA HIS A 76 -21.92 4.80 -5.65
C HIS A 76 -20.57 4.22 -5.23
N ASP A 77 -20.55 2.92 -4.94
CA ASP A 77 -19.32 2.21 -4.55
C ASP A 77 -18.50 1.86 -5.77
N GLN A 78 -19.16 1.64 -6.91
CA GLN A 78 -18.48 1.42 -8.18
C GLN A 78 -17.63 2.64 -8.47
N VAL A 79 -18.26 3.81 -8.41
CA VAL A 79 -17.57 5.08 -8.55
C VAL A 79 -16.42 5.19 -7.55
N HIS A 80 -16.69 4.85 -6.29
CA HIS A 80 -15.70 4.95 -5.23
C HIS A 80 -14.47 4.08 -5.50
N LEU A 81 -14.70 2.82 -5.84
CA LEU A 81 -13.61 1.89 -6.11
C LEU A 81 -12.72 2.34 -7.26
N LEU A 82 -13.34 2.81 -8.33
CA LEU A 82 -12.59 3.28 -9.49
C LEU A 82 -11.82 4.56 -9.18
N GLU A 83 -12.47 5.47 -8.45
CA GLU A 83 -11.82 6.71 -8.03
C GLU A 83 -10.58 6.44 -7.19
N CYS A 84 -10.66 5.41 -6.35
CA CYS A 84 -9.56 5.07 -5.45
C CYS A 84 -8.42 4.34 -6.13
N ALA A 85 -8.76 3.49 -7.11
CA ALA A 85 -7.78 2.55 -7.66
C ALA A 85 -7.29 2.86 -9.08
N TRP A 86 -7.82 3.91 -9.71
CA TRP A 86 -7.57 4.11 -11.15
C TRP A 86 -6.09 4.27 -11.50
N LEU A 87 -5.34 5.01 -10.70
CA LEU A 87 -3.93 5.21 -10.99
C LEU A 87 -3.14 3.94 -10.67
N GLU A 88 -3.53 3.24 -9.62
CA GLU A 88 -2.94 1.94 -9.29
C GLU A 88 -3.08 0.97 -10.46
N ILE A 89 -4.27 0.96 -11.07
CA ILE A 89 -4.56 0.06 -12.16
C ILE A 89 -3.75 0.42 -13.41
N LEU A 90 -3.61 1.71 -13.67
CA LEU A 90 -2.80 2.18 -14.78
C LEU A 90 -1.35 1.78 -14.57
N MET A 91 -0.91 1.80 -13.32
CA MET A 91 0.49 1.51 -12.98
C MET A 91 0.83 0.03 -13.08
N ILE A 92 -0.06 -0.84 -12.57
CA ILE A 92 0.23 -2.27 -12.63
C ILE A 92 0.18 -2.74 -14.08
N GLY A 93 -0.64 -2.09 -14.90
CA GLY A 93 -0.72 -2.40 -16.31
C GLY A 93 0.54 -1.96 -17.04
N LEU A 94 0.99 -0.75 -16.76
CA LEU A 94 2.24 -0.23 -17.33
C LEU A 94 3.41 -1.11 -16.96
N VAL A 95 3.50 -1.45 -15.68
CA VAL A 95 4.58 -2.28 -15.15
C VAL A 95 4.55 -3.68 -15.78
N TRP A 96 3.36 -4.18 -16.04
CA TRP A 96 3.20 -5.49 -16.68
C TRP A 96 3.68 -5.50 -18.12
N ARG A 97 3.32 -4.48 -18.90
CA ARG A 97 3.71 -4.47 -20.31
C ARG A 97 5.12 -3.93 -20.50
N SER A 98 5.75 -3.49 -19.41
CA SER A 98 7.14 -3.03 -19.46
C SER A 98 8.10 -4.13 -19.04
N MET A 99 7.55 -5.28 -18.64
CA MET A 99 8.33 -6.37 -18.07
C MET A 99 9.52 -6.80 -18.93
N GLU A 100 9.26 -7.05 -20.22
CA GLU A 100 10.30 -7.55 -21.11
C GLU A 100 11.09 -6.41 -21.75
N HIS A 101 11.01 -5.22 -21.14
CA HIS A 101 11.79 -4.07 -21.59
C HIS A 101 12.59 -3.48 -20.44
N PRO A 102 13.73 -4.12 -20.09
CA PRO A 102 14.56 -3.68 -18.97
C PRO A 102 15.03 -2.23 -19.10
N GLY A 103 14.80 -1.44 -18.06
CA GLY A 103 15.24 -0.05 -18.04
C GLY A 103 14.32 0.90 -18.78
N LYS A 104 13.19 0.39 -19.26
CA LYS A 104 12.26 1.21 -20.04
C LYS A 104 10.81 0.98 -19.61
N LEU A 105 9.98 1.99 -19.83
CA LEU A 105 8.55 1.90 -19.54
C LEU A 105 7.74 1.97 -20.83
N LEU A 106 6.97 0.93 -21.11
CA LEU A 106 6.17 0.86 -22.33
C LEU A 106 4.79 1.46 -22.11
N PHE A 107 4.70 2.79 -22.16
CA PHE A 107 3.42 3.47 -22.05
C PHE A 107 2.53 3.11 -23.23
N ALA A 108 3.15 3.05 -24.40
CA ALA A 108 2.47 2.70 -25.64
C ALA A 108 3.51 2.07 -26.57
N PRO A 109 3.04 1.28 -27.56
CA PRO A 109 3.98 0.69 -28.52
C PRO A 109 4.85 1.72 -29.23
N ASN A 110 4.38 2.97 -29.29
CA ASN A 110 5.14 4.05 -29.90
C ASN A 110 5.63 5.06 -28.87
N LEU A 111 5.56 4.69 -27.60
CA LEU A 111 6.03 5.56 -26.52
C LEU A 111 6.76 4.75 -25.45
N LEU A 112 8.04 4.49 -25.71
CA LEU A 112 8.88 3.70 -24.83
C LEU A 112 9.96 4.60 -24.20
N LEU A 113 9.85 4.83 -22.89
CA LEU A 113 10.70 5.82 -22.24
C LEU A 113 11.61 5.24 -21.16
N ASP A 114 12.83 5.77 -21.09
CA ASP A 114 13.75 5.44 -20.00
C ASP A 114 13.73 6.56 -18.96
N ARG A 115 14.45 6.37 -17.86
CA ARG A 115 14.39 7.31 -16.74
C ARG A 115 14.93 8.69 -17.13
N ASN A 116 15.84 8.73 -18.10
CA ASN A 116 16.43 10.00 -18.53
C ASN A 116 15.41 10.87 -19.26
N GLN A 117 14.45 10.24 -19.91
CA GLN A 117 13.38 10.96 -20.58
C GLN A 117 12.33 11.39 -19.57
N GLY A 118 12.31 10.75 -18.42
CA GLY A 118 11.43 11.14 -17.33
C GLY A 118 11.88 12.44 -16.69
N LYS A 119 13.16 12.75 -16.86
CA LYS A 119 13.75 13.96 -16.31
C LYS A 119 13.20 15.22 -16.97
N CYS A 120 12.60 15.05 -18.15
CA CYS A 120 12.04 16.17 -18.90
C CYS A 120 10.93 16.86 -18.10
N VAL A 121 10.22 16.08 -17.29
CA VAL A 121 9.18 16.61 -16.43
C VAL A 121 9.66 16.68 -14.99
N GLU A 122 9.47 17.82 -14.35
CA GLU A 122 9.93 18.04 -12.98
C GLU A 122 9.35 17.03 -12.00
N GLY A 123 10.24 16.33 -11.29
CA GLY A 123 9.85 15.40 -10.25
C GLY A 123 9.24 14.10 -10.72
N MET A 124 9.27 13.85 -12.02
CA MET A 124 8.64 12.65 -12.57
C MET A 124 9.60 11.46 -12.61
N VAL A 125 10.90 11.73 -12.64
CA VAL A 125 11.90 10.67 -12.74
C VAL A 125 11.89 9.79 -11.48
N GLU A 126 11.53 10.38 -10.34
CA GLU A 126 11.41 9.61 -9.10
C GLU A 126 10.30 8.58 -9.23
N ILE A 127 9.23 8.97 -9.91
CA ILE A 127 8.10 8.08 -10.16
C ILE A 127 8.48 6.98 -11.15
N PHE A 128 9.18 7.37 -12.22
CA PHE A 128 9.65 6.41 -13.21
C PHE A 128 10.52 5.33 -12.56
N ASP A 129 11.43 5.75 -11.68
CA ASP A 129 12.31 4.83 -10.99
C ASP A 129 11.54 3.77 -10.20
N MET A 130 10.52 4.20 -9.47
CA MET A 130 9.69 3.29 -8.70
C MET A 130 8.95 2.30 -9.61
N LEU A 131 8.43 2.81 -10.72
CA LEU A 131 7.72 1.97 -11.68
C LEU A 131 8.66 0.96 -12.33
N LEU A 132 9.86 1.41 -12.68
CA LEU A 132 10.87 0.55 -13.29
C LEU A 132 11.32 -0.56 -12.33
N ALA A 133 11.47 -0.21 -11.05
CA ALA A 133 11.87 -1.20 -10.04
C ALA A 133 10.79 -2.26 -9.87
N THR A 134 9.53 -1.82 -9.88
CA THR A 134 8.40 -2.74 -9.78
C THR A 134 8.38 -3.68 -10.98
N SER A 135 8.67 -3.14 -12.16
CA SER A 135 8.75 -3.92 -13.38
C SER A 135 9.86 -4.95 -13.32
N SER A 136 10.98 -4.58 -12.71
CA SER A 136 12.10 -5.50 -12.53
C SER A 136 11.73 -6.62 -11.56
N ARG A 137 10.94 -6.27 -10.54
CA ARG A 137 10.49 -7.23 -9.55
C ARG A 137 9.58 -8.28 -10.18
N PHE A 138 8.62 -7.81 -10.97
CA PHE A 138 7.71 -8.72 -11.68
C PHE A 138 8.47 -9.62 -12.66
N ARG A 139 9.47 -9.05 -13.33
CA ARG A 139 10.28 -9.81 -14.28
C ARG A 139 11.13 -10.85 -13.55
N MET A 140 11.63 -10.49 -12.38
CA MET A 140 12.42 -11.41 -11.56
C MET A 140 11.55 -12.57 -11.04
N MET A 141 10.30 -12.28 -10.76
CA MET A 141 9.37 -13.29 -10.25
C MET A 141 8.76 -14.16 -11.34
N ASN A 142 8.99 -13.77 -12.59
CA ASN A 142 8.34 -14.40 -13.75
C ASN A 142 6.82 -14.35 -13.62
N LEU A 143 6.30 -13.15 -13.38
CA LEU A 143 4.87 -12.95 -13.24
C LEU A 143 4.13 -13.42 -14.49
N GLN A 144 3.10 -14.22 -14.29
CA GLN A 144 2.32 -14.76 -15.40
C GLN A 144 1.09 -13.89 -15.67
N GLY A 145 0.61 -13.92 -16.91
CA GLY A 145 -0.54 -13.13 -17.31
C GLY A 145 -1.78 -13.44 -16.49
N GLU A 146 -1.99 -14.71 -16.20
CA GLU A 146 -3.13 -15.13 -15.38
C GLU A 146 -3.01 -14.58 -13.97
N GLU A 147 -1.79 -14.49 -13.46
CA GLU A 147 -1.56 -13.90 -12.14
C GLU A 147 -1.78 -12.41 -12.18
N PHE A 148 -1.35 -11.78 -13.27
CA PHE A 148 -1.47 -10.34 -13.44
C PHE A 148 -2.93 -9.86 -13.41
N VAL A 149 -3.80 -10.54 -14.14
CA VAL A 149 -5.20 -10.13 -14.20
C VAL A 149 -5.89 -10.33 -12.85
N CYS A 150 -5.44 -11.32 -12.08
CA CYS A 150 -5.96 -11.52 -10.74
C CYS A 150 -5.55 -10.37 -9.83
N LEU A 151 -4.28 -9.98 -9.91
CA LEU A 151 -3.76 -8.88 -9.10
C LEU A 151 -4.48 -7.57 -9.41
N LYS A 152 -4.68 -7.30 -10.70
CA LYS A 152 -5.30 -6.05 -11.12
C LYS A 152 -6.75 -5.96 -10.64
N SER A 153 -7.44 -7.09 -10.64
CA SER A 153 -8.81 -7.14 -10.13
C SER A 153 -8.84 -7.00 -8.62
N ILE A 154 -7.83 -7.52 -7.94
CA ILE A 154 -7.72 -7.39 -6.50
C ILE A 154 -7.57 -5.91 -6.14
N ILE A 155 -6.71 -5.20 -6.88
CA ILE A 155 -6.50 -3.78 -6.68
C ILE A 155 -7.80 -2.99 -6.79
N LEU A 156 -8.60 -3.31 -7.79
CA LEU A 156 -9.88 -2.65 -8.01
C LEU A 156 -10.83 -2.83 -6.83
N LEU A 157 -10.92 -4.06 -6.33
CA LEU A 157 -11.89 -4.37 -5.29
C LEU A 157 -11.42 -3.99 -3.89
N ASN A 158 -10.10 -4.01 -3.67
CA ASN A 158 -9.56 -3.85 -2.32
C ASN A 158 -9.16 -2.43 -1.93
N SER A 159 -8.63 -1.66 -2.89
CA SER A 159 -8.02 -0.37 -2.57
C SER A 159 -8.97 0.62 -1.91
N GLY A 160 -10.24 0.57 -2.29
CA GLY A 160 -11.22 1.50 -1.76
C GLY A 160 -12.26 0.88 -0.85
N VAL A 161 -12.08 -0.39 -0.50
CA VAL A 161 -13.07 -1.10 0.31
C VAL A 161 -13.02 -0.67 1.78
N TYR A 162 -11.86 -0.20 2.22
CA TYR A 162 -11.69 0.18 3.62
C TYR A 162 -12.18 1.60 3.87
N THR A 163 -12.59 2.26 2.79
CA THR A 163 -13.03 3.66 2.89
C THR A 163 -14.56 3.75 2.82
N PHE A 164 -15.23 2.60 2.84
CA PHE A 164 -16.69 2.55 2.87
C PHE A 164 -17.22 3.13 4.17
N LEU A 172 -23.03 -2.14 5.20
CA LEU A 172 -22.57 -3.50 5.43
C LEU A 172 -23.22 -4.46 4.45
N GLU A 173 -22.67 -5.67 4.39
CA GLU A 173 -23.04 -6.74 3.46
C GLU A 173 -22.58 -6.42 2.03
N GLU A 174 -22.41 -5.14 1.73
CA GLU A 174 -21.82 -4.70 0.47
C GLU A 174 -20.32 -4.94 0.50
N LYS A 175 -19.73 -4.69 1.67
CA LYS A 175 -18.30 -4.96 1.87
C LYS A 175 -18.05 -6.45 1.99
N ASP A 176 -19.03 -7.17 2.52
CA ASP A 176 -18.91 -8.61 2.66
C ASP A 176 -18.91 -9.27 1.28
N HIS A 177 -19.70 -8.73 0.36
CA HIS A 177 -19.74 -9.24 -1.00
C HIS A 177 -18.41 -9.08 -1.71
N ILE A 178 -17.80 -7.90 -1.54
CA ILE A 178 -16.48 -7.62 -2.12
C ILE A 178 -15.43 -8.58 -1.58
N HIS A 179 -15.51 -8.89 -0.29
CA HIS A 179 -14.56 -9.79 0.34
C HIS A 179 -14.74 -11.23 -0.11
N ARG A 180 -15.97 -11.62 -0.41
CA ARG A 180 -16.24 -12.96 -0.94
C ARG A 180 -15.58 -13.12 -2.30
N VAL A 181 -15.68 -12.09 -3.14
CA VAL A 181 -15.08 -12.11 -4.47
C VAL A 181 -13.56 -12.11 -4.37
N LEU A 182 -13.03 -11.29 -3.46
CA LEU A 182 -11.59 -11.24 -3.22
C LEU A 182 -11.05 -12.60 -2.77
N ASP A 183 -11.83 -13.31 -1.97
CA ASP A 183 -11.45 -14.65 -1.52
C ASP A 183 -11.43 -15.62 -2.70
N LYS A 184 -12.39 -15.45 -3.61
CA LYS A 184 -12.46 -16.26 -4.82
C LYS A 184 -11.23 -16.04 -5.70
N ILE A 185 -10.77 -14.80 -5.77
CA ILE A 185 -9.58 -14.47 -6.56
C ILE A 185 -8.33 -15.04 -5.88
N THR A 186 -8.34 -15.06 -4.55
CA THR A 186 -7.27 -15.71 -3.80
C THR A 186 -7.23 -17.20 -4.12
N ASP A 187 -8.40 -17.83 -4.12
CA ASP A 187 -8.51 -19.25 -4.47
C ASP A 187 -8.02 -19.49 -5.88
N THR A 188 -8.24 -18.51 -6.76
CA THR A 188 -7.84 -18.62 -8.15
C THR A 188 -6.32 -18.55 -8.30
N LEU A 189 -5.70 -17.63 -7.57
CA LEU A 189 -4.25 -17.49 -7.60
C LEU A 189 -3.54 -18.76 -7.15
N ILE A 190 -4.00 -19.32 -6.04
CA ILE A 190 -3.45 -20.58 -5.52
C ILE A 190 -3.62 -21.70 -6.53
N HIS A 191 -4.82 -21.78 -7.12
CA HIS A 191 -5.12 -22.77 -8.15
C HIS A 191 -4.15 -22.69 -9.33
N LEU A 192 -3.82 -21.46 -9.72
CA LEU A 192 -2.87 -21.23 -10.81
C LEU A 192 -1.47 -21.70 -10.45
N MET A 193 -1.03 -21.35 -9.24
CA MET A 193 0.30 -21.71 -8.77
C MET A 193 0.45 -23.22 -8.62
N ALA A 194 -0.62 -23.88 -8.16
CA ALA A 194 -0.62 -25.32 -8.01
C ALA A 194 -0.51 -26.01 -9.37
N LYS A 195 -1.25 -25.50 -10.35
CA LYS A 195 -1.23 -26.07 -11.69
C LYS A 195 0.14 -25.86 -12.35
N ALA A 196 0.85 -24.83 -11.91
CA ALA A 196 2.18 -24.52 -12.43
C ALA A 196 3.26 -25.42 -11.82
N GLY A 197 2.87 -26.24 -10.85
CA GLY A 197 3.79 -27.21 -10.28
C GLY A 197 4.45 -26.77 -8.98
N LEU A 198 4.07 -25.60 -8.49
CA LEU A 198 4.62 -25.08 -7.24
C LEU A 198 4.20 -25.93 -6.05
N THR A 199 5.13 -26.20 -5.14
CA THR A 199 4.82 -26.95 -3.93
C THR A 199 3.87 -26.14 -3.07
N LEU A 200 3.26 -26.80 -2.08
CA LEU A 200 2.30 -26.16 -1.20
C LEU A 200 2.91 -24.97 -0.46
N GLN A 201 4.18 -25.11 -0.09
CA GLN A 201 4.88 -24.04 0.61
C GLN A 201 5.19 -22.88 -0.34
N GLN A 202 5.59 -23.22 -1.56
CA GLN A 202 5.89 -22.21 -2.57
C GLN A 202 4.65 -21.39 -2.91
N GLN A 203 3.48 -22.03 -2.82
CA GLN A 203 2.22 -21.38 -3.16
C GLN A 203 1.90 -20.20 -2.25
N HIS A 204 1.96 -20.43 -0.93
CA HIS A 204 1.62 -19.35 0.00
C HIS A 204 2.76 -18.34 0.10
N GLN A 205 3.98 -18.77 -0.21
CA GLN A 205 5.12 -17.86 -0.25
C GLN A 205 4.99 -16.90 -1.43
N ARG A 206 4.65 -17.43 -2.60
CA ARG A 206 4.50 -16.60 -3.79
C ARG A 206 3.30 -15.68 -3.65
N LEU A 207 2.20 -16.22 -3.12
CA LEU A 207 1.00 -15.44 -2.87
C LEU A 207 1.33 -14.18 -2.07
N ALA A 208 2.10 -14.36 -1.00
CA ALA A 208 2.51 -13.26 -0.15
C ALA A 208 3.38 -12.26 -0.89
N GLN A 209 4.31 -12.76 -1.70
CA GLN A 209 5.22 -11.89 -2.46
C GLN A 209 4.46 -10.99 -3.41
N LEU A 210 3.50 -11.56 -4.13
CA LEU A 210 2.70 -10.80 -5.10
C LEU A 210 1.85 -9.73 -4.41
N LEU A 211 1.23 -10.09 -3.29
CA LEU A 211 0.33 -9.18 -2.59
C LEU A 211 1.08 -8.05 -1.88
N LEU A 212 2.30 -8.33 -1.43
CA LEU A 212 3.13 -7.30 -0.79
C LEU A 212 3.57 -6.24 -1.79
N ILE A 213 3.64 -6.62 -3.07
CA ILE A 213 3.99 -5.68 -4.13
C ILE A 213 2.86 -4.67 -4.32
N LEU A 214 1.63 -5.08 -4.02
CA LEU A 214 0.48 -4.18 -4.12
C LEU A 214 0.60 -3.01 -3.13
N SER A 215 1.36 -3.23 -2.06
CA SER A 215 1.61 -2.18 -1.08
C SER A 215 2.51 -1.09 -1.69
N HIS A 216 3.45 -1.50 -2.53
CA HIS A 216 4.33 -0.56 -3.21
C HIS A 216 3.59 0.15 -4.35
N ILE A 217 2.67 -0.57 -4.99
CA ILE A 217 1.86 0.01 -6.05
C ILE A 217 0.97 1.11 -5.50
N ARG A 218 0.38 0.86 -4.33
CA ARG A 218 -0.39 1.87 -3.61
C ARG A 218 0.46 3.10 -3.33
N HIS A 219 1.68 2.86 -2.86
CA HIS A 219 2.62 3.93 -2.55
C HIS A 219 2.94 4.76 -3.79
N MET A 220 3.22 4.09 -4.90
CA MET A 220 3.49 4.77 -6.17
C MET A 220 2.29 5.61 -6.61
N SER A 221 1.09 5.07 -6.39
CA SER A 221 -0.13 5.76 -6.77
C SER A 221 -0.31 7.08 -6.01
N ASN A 222 -0.09 7.05 -4.69
CA ASN A 222 -0.21 8.24 -3.87
C ASN A 222 0.81 9.31 -4.25
N LYS A 223 2.00 8.87 -4.63
CA LYS A 223 3.05 9.77 -5.06
C LYS A 223 2.75 10.34 -6.45
N GLY A 224 2.22 9.49 -7.33
CA GLY A 224 1.85 9.91 -8.66
C GLY A 224 0.66 10.85 -8.64
N MET A 225 -0.24 10.65 -7.68
CA MET A 225 -1.42 11.48 -7.54
C MET A 225 -1.02 12.90 -7.11
N GLU A 226 -0.08 12.98 -6.18
CA GLU A 226 0.44 14.26 -5.71
C GLU A 226 1.18 15.00 -6.81
N HIS A 227 1.91 14.25 -7.63
CA HIS A 227 2.67 14.84 -8.72
C HIS A 227 1.75 15.40 -9.80
N LEU A 228 0.74 14.62 -10.17
CA LEU A 228 -0.24 15.03 -11.16
C LEU A 228 -0.97 16.27 -10.68
N TYR A 229 -1.27 16.31 -9.39
CA TYR A 229 -1.95 17.44 -8.78
C TYR A 229 -1.11 18.72 -8.87
N SER A 230 0.18 18.60 -8.60
CA SER A 230 1.07 19.75 -8.62
C SER A 230 1.26 20.27 -10.05
N MET A 231 1.24 19.36 -11.02
CA MET A 231 1.33 19.76 -12.42
C MET A 231 0.08 20.54 -12.83
N LYS A 232 -1.08 20.08 -12.37
CA LYS A 232 -2.34 20.75 -12.65
C LYS A 232 -2.39 22.13 -12.01
N CYS A 233 -1.91 22.23 -10.77
CA CYS A 233 -1.97 23.47 -10.01
C CYS A 233 -0.95 24.49 -10.48
N LYS A 234 -0.12 24.12 -11.45
CA LYS A 234 0.84 25.04 -12.03
C LYS A 234 0.54 25.30 -13.49
N ASN A 235 -0.64 24.86 -13.93
CA ASN A 235 -1.10 25.03 -15.30
C ASN A 235 -0.09 24.56 -16.34
N VAL A 236 0.58 23.45 -16.04
CA VAL A 236 1.56 22.88 -16.95
C VAL A 236 0.85 22.24 -18.14
N VAL A 237 -0.29 21.62 -17.86
CA VAL A 237 -1.06 20.93 -18.89
C VAL A 237 -2.55 20.87 -18.51
N PRO A 238 -3.43 21.11 -19.49
CA PRO A 238 -4.87 20.97 -19.23
C PRO A 238 -5.31 19.51 -19.16
N LEU A 239 -5.95 19.13 -18.05
CA LEU A 239 -6.47 17.78 -17.89
C LEU A 239 -7.91 17.69 -18.39
N SER A 240 -8.29 16.53 -18.91
CA SER A 240 -9.68 16.30 -19.32
C SER A 240 -10.59 16.38 -18.10
N ASP A 241 -11.87 16.63 -18.34
CA ASP A 241 -12.83 16.76 -17.25
C ASP A 241 -12.95 15.48 -16.45
N LEU A 242 -12.84 14.34 -17.12
CA LEU A 242 -12.85 13.05 -16.44
C LEU A 242 -11.63 12.92 -15.54
N LEU A 243 -10.47 13.31 -16.06
CA LEU A 243 -9.22 13.20 -15.32
C LEU A 243 -9.21 14.16 -14.12
N LEU A 244 -9.78 15.34 -14.30
CA LEU A 244 -9.89 16.31 -13.22
C LEU A 244 -10.73 15.76 -12.07
N GLU A 245 -11.79 15.03 -12.42
CA GLU A 245 -12.70 14.49 -11.41
C GLU A 245 -12.13 13.27 -10.70
N MET A 246 -11.36 12.46 -11.42
CA MET A 246 -10.66 11.33 -10.79
C MET A 246 -9.61 11.84 -9.81
N LEU A 247 -8.93 12.92 -10.20
CA LEU A 247 -7.90 13.54 -9.38
C LEU A 247 -8.52 14.25 -8.18
N ASP A 248 -9.67 14.87 -8.40
CA ASP A 248 -10.36 15.63 -7.35
C ASP A 248 -10.89 14.73 -6.25
N ALA A 249 -11.09 13.45 -6.57
CA ALA A 249 -11.63 12.49 -5.61
C ALA A 249 -10.67 12.20 -4.47
N HIS A 250 -9.41 12.62 -4.63
CA HIS A 250 -8.39 12.35 -3.62
C HIS A 250 -8.06 13.59 -2.80
N ARG A 251 -8.85 14.64 -2.98
CA ARG A 251 -8.65 15.91 -2.27
C ARG A 251 -7.24 16.48 -2.48
N LEU A 252 -6.28 15.92 -1.74
CA LEU A 252 -4.86 16.26 -1.86
C LEU A 252 -4.55 17.72 -1.51
N HIS A 253 -3.26 18.02 -1.45
CA HIS A 253 -2.77 19.37 -1.18
C HIS A 253 -1.27 19.47 -1.44
N SER B 8 22.67 -16.93 8.12
CA SER B 8 22.62 -16.13 9.34
C SER B 8 22.13 -16.96 10.52
N LEU B 9 20.98 -16.59 11.06
CA LEU B 9 20.37 -17.30 12.17
C LEU B 9 18.85 -17.23 12.07
N ALA B 10 18.37 -16.16 11.46
CA ALA B 10 16.94 -15.92 11.27
C ALA B 10 16.33 -16.93 10.30
N LEU B 11 17.17 -17.47 9.42
CA LEU B 11 16.73 -18.47 8.45
C LEU B 11 16.63 -19.85 9.10
N SER B 12 17.35 -20.03 10.21
CA SER B 12 17.39 -21.31 10.90
C SER B 12 16.29 -21.42 11.95
N LEU B 13 15.66 -20.29 12.26
CA LEU B 13 14.55 -20.26 13.21
C LEU B 13 13.38 -21.09 12.70
N THR B 14 12.72 -21.82 13.59
CA THR B 14 11.49 -22.50 13.21
C THR B 14 10.33 -21.53 13.40
N ALA B 15 9.12 -21.99 13.10
CA ALA B 15 7.94 -21.13 13.16
C ALA B 15 7.66 -20.65 14.59
N ASP B 16 7.91 -21.50 15.56
CA ASP B 16 7.66 -21.17 16.96
C ASP B 16 8.70 -20.19 17.50
N GLN B 17 9.94 -20.34 17.07
CA GLN B 17 11.02 -19.45 17.49
C GLN B 17 10.86 -18.06 16.88
N MET B 18 10.26 -18.00 15.69
CA MET B 18 9.96 -16.72 15.05
C MET B 18 8.94 -15.96 15.90
N VAL B 19 7.84 -16.63 16.23
CA VAL B 19 6.81 -16.05 17.09
C VAL B 19 7.40 -15.62 18.42
N SER B 20 8.19 -16.49 19.03
CA SER B 20 8.83 -16.22 20.31
C SER B 20 9.73 -14.99 20.24
N ALA B 21 10.56 -14.92 19.20
CA ALA B 21 11.47 -13.79 19.02
C ALA B 21 10.71 -12.48 18.83
N LEU B 22 9.63 -12.53 18.05
CA LEU B 22 8.85 -11.33 17.76
C LEU B 22 8.09 -10.84 19.00
N LEU B 23 7.52 -11.78 19.75
CA LEU B 23 6.77 -11.43 20.96
C LEU B 23 7.67 -10.80 22.01
N ASP B 24 8.88 -11.32 22.15
CA ASP B 24 9.83 -10.81 23.13
C ASP B 24 10.42 -9.47 22.70
N ALA B 25 10.41 -9.22 21.40
CA ALA B 25 10.98 -8.00 20.84
C ALA B 25 10.01 -6.83 20.95
N GLU B 26 8.77 -7.14 21.33
CA GLU B 26 7.72 -6.13 21.42
C GLU B 26 8.08 -4.97 22.33
N PRO B 27 7.92 -3.74 21.82
CA PRO B 27 8.17 -2.52 22.59
C PRO B 27 7.12 -2.33 23.67
N PRO B 28 7.42 -1.50 24.68
CA PRO B 28 6.44 -1.22 25.74
C PRO B 28 5.33 -0.29 25.28
N ILE B 29 4.22 -0.27 26.01
CA ILE B 29 3.15 0.67 25.74
C ILE B 29 3.37 1.94 26.57
N LEU B 30 3.78 3.00 25.89
CA LEU B 30 4.12 4.25 26.56
C LEU B 30 2.88 5.03 27.00
N TYR B 31 3.03 5.82 28.04
CA TYR B 31 1.95 6.70 28.50
C TYR B 31 2.09 8.08 27.86
N SER B 32 0.99 8.82 27.84
CA SER B 32 1.03 10.21 27.43
C SER B 32 1.18 11.10 28.66
N GLU B 33 1.74 12.29 28.46
CA GLU B 33 1.88 13.25 29.56
C GLU B 33 0.61 14.07 29.70
N TYR B 34 -0.52 13.43 29.39
CA TYR B 34 -1.78 14.12 29.23
C TYR B 34 -2.45 14.53 30.55
N ASP B 35 -2.83 15.81 30.59
CA ASP B 35 -3.95 16.36 31.38
C ASP B 35 -3.52 17.14 32.65
N PRO B 36 -4.25 16.97 33.78
CA PRO B 36 -4.59 18.14 34.61
C PRO B 36 -4.22 19.51 34.05
N THR B 37 -5.21 20.11 33.40
CA THR B 37 -5.15 21.39 32.70
C THR B 37 -6.44 21.38 31.89
N ARG B 38 -7.04 20.19 31.88
CA ARG B 38 -8.35 19.90 31.30
C ARG B 38 -8.31 20.00 29.75
N PRO B 39 -9.23 20.75 29.09
CA PRO B 39 -9.51 20.21 27.76
C PRO B 39 -8.46 20.53 26.69
N PHE B 40 -8.77 20.18 25.45
CA PHE B 40 -7.83 20.27 24.34
C PHE B 40 -7.96 21.54 23.50
N SER B 41 -6.82 21.97 22.95
CA SER B 41 -6.80 22.90 21.84
C SER B 41 -6.16 22.16 20.67
N GLU B 42 -6.08 22.81 19.51
CA GLU B 42 -5.46 22.16 18.36
C GLU B 42 -3.97 21.93 18.62
N ALA B 43 -3.33 22.89 19.28
CA ALA B 43 -1.92 22.79 19.60
C ALA B 43 -1.68 21.84 20.77
N SER B 44 -2.63 21.77 21.69
CA SER B 44 -2.52 20.91 22.86
C SER B 44 -2.53 19.43 22.48
N MET B 45 -3.41 19.06 21.56
CA MET B 45 -3.53 17.66 21.15
C MET B 45 -2.38 17.25 20.24
N MET B 46 -2.01 18.11 19.30
CA MET B 46 -0.89 17.85 18.41
C MET B 46 0.40 17.67 19.20
N GLY B 47 0.53 18.43 20.28
CA GLY B 47 1.69 18.32 21.15
C GLY B 47 1.81 16.94 21.78
N LEU B 48 0.68 16.45 22.31
CA LEU B 48 0.66 15.13 22.94
C LEU B 48 0.95 14.01 21.95
N LEU B 49 0.36 14.12 20.77
CA LEU B 49 0.51 13.10 19.74
C LEU B 49 1.92 13.04 19.19
N THR B 50 2.52 14.19 18.94
CA THR B 50 3.88 14.26 18.42
C THR B 50 4.90 13.87 19.48
N ASN B 51 4.67 14.30 20.72
CA ASN B 51 5.52 13.92 21.83
C ASN B 51 5.52 12.41 22.04
N LEU B 52 4.34 11.81 21.94
CA LEU B 52 4.18 10.37 22.04
C LEU B 52 4.91 9.64 20.91
N ALA B 53 4.69 10.10 19.68
CA ALA B 53 5.30 9.48 18.51
C ALA B 53 6.82 9.51 18.59
N ASP B 54 7.36 10.63 19.06
CA ASP B 54 8.79 10.79 19.20
C ASP B 54 9.40 9.77 20.17
N ARG B 55 8.74 9.56 21.30
CA ARG B 55 9.22 8.61 22.29
C ARG B 55 9.03 7.17 21.80
N GLU B 56 7.97 6.93 21.04
CA GLU B 56 7.74 5.61 20.47
C GLU B 56 8.80 5.26 19.43
N LEU B 57 9.32 6.28 18.75
CA LEU B 57 10.34 6.07 17.73
C LEU B 57 11.63 5.50 18.32
N VAL B 58 11.99 5.96 19.51
CA VAL B 58 13.19 5.49 20.18
C VAL B 58 13.09 3.99 20.48
N HIS B 59 11.92 3.56 20.94
CA HIS B 59 11.71 2.14 21.25
C HIS B 59 11.56 1.29 19.98
N MET B 60 11.01 1.89 18.92
CA MET B 60 10.84 1.19 17.66
C MET B 60 12.19 0.77 17.08
N ILE B 61 13.17 1.65 17.19
CA ILE B 61 14.50 1.41 16.66
C ILE B 61 15.18 0.22 17.35
N ASN B 62 15.02 0.13 18.68
CA ASN B 62 15.56 -1.00 19.42
C ASN B 62 14.75 -2.28 19.16
N TRP B 63 13.47 -2.12 18.86
CA TRP B 63 12.64 -3.23 18.46
C TRP B 63 13.06 -3.77 17.09
N ALA B 64 13.36 -2.86 16.17
CA ALA B 64 13.75 -3.24 14.82
C ALA B 64 15.02 -4.08 14.84
N LYS B 65 15.94 -3.73 15.73
CA LYS B 65 17.20 -4.44 15.84
C LYS B 65 17.03 -5.82 16.47
N ARG B 66 15.86 -6.06 17.07
CA ARG B 66 15.56 -7.37 17.64
C ARG B 66 14.72 -8.21 16.68
N VAL B 67 14.36 -7.62 15.53
CA VAL B 67 13.67 -8.34 14.48
C VAL B 67 14.65 -9.21 13.71
N PRO B 68 14.40 -10.53 13.65
CA PRO B 68 15.30 -11.52 13.05
C PRO B 68 15.74 -11.14 11.63
N GLY B 69 17.06 -11.02 11.44
CA GLY B 69 17.62 -10.74 10.13
C GLY B 69 17.89 -9.27 9.87
N PHE B 70 17.39 -8.40 10.74
CA PHE B 70 17.51 -6.96 10.53
C PHE B 70 18.93 -6.44 10.78
N VAL B 71 19.59 -6.97 11.80
CA VAL B 71 20.95 -6.54 12.12
C VAL B 71 21.97 -7.14 11.17
N ASP B 72 21.53 -8.05 10.31
CA ASP B 72 22.41 -8.62 9.29
C ASP B 72 22.61 -7.64 8.14
N LEU B 73 21.69 -6.70 8.03
CA LEU B 73 21.73 -5.69 6.97
C LEU B 73 22.71 -4.56 7.32
N THR B 74 23.16 -3.86 6.29
CA THR B 74 24.04 -2.71 6.49
C THR B 74 23.32 -1.62 7.27
N LEU B 75 24.09 -0.73 7.88
CA LEU B 75 23.54 0.41 8.59
C LEU B 75 22.71 1.29 7.66
N HIS B 76 23.17 1.40 6.41
CA HIS B 76 22.46 2.18 5.39
C HIS B 76 21.08 1.62 5.12
N ASP B 77 21.00 0.31 4.90
CA ASP B 77 19.73 -0.34 4.59
C ASP B 77 18.78 -0.28 5.77
N GLN B 78 19.31 -0.42 6.99
CA GLN B 78 18.50 -0.34 8.20
C GLN B 78 17.86 1.03 8.33
N VAL B 79 18.62 2.07 8.01
CA VAL B 79 18.13 3.44 8.05
C VAL B 79 17.00 3.63 7.04
N HIS B 80 17.21 3.17 5.82
CA HIS B 80 16.23 3.31 4.75
C HIS B 80 14.91 2.62 5.09
N LEU B 81 15.00 1.41 5.64
CA LEU B 81 13.81 0.64 5.98
C LEU B 81 12.98 1.33 7.06
N LEU B 82 13.66 1.82 8.09
CA LEU B 82 12.98 2.52 9.18
C LEU B 82 12.43 3.86 8.72
N GLU B 83 13.16 4.55 7.85
CA GLU B 83 12.72 5.83 7.32
C GLU B 83 11.43 5.68 6.51
N CYS B 84 11.34 4.58 5.77
CA CYS B 84 10.19 4.32 4.92
C CYS B 84 8.95 3.86 5.69
N ALA B 85 9.17 3.13 6.79
CA ALA B 85 8.09 2.38 7.41
C ALA B 85 7.67 2.87 8.80
N TRP B 86 8.35 3.86 9.34
CA TRP B 86 8.16 4.23 10.74
C TRP B 86 6.73 4.65 11.08
N LEU B 87 6.06 5.34 10.17
CA LEU B 87 4.68 5.77 10.43
C LEU B 87 3.70 4.62 10.27
N GLU B 88 3.96 3.74 9.31
CA GLU B 88 3.16 2.53 9.14
C GLU B 88 3.20 1.68 10.40
N ILE B 89 4.40 1.56 10.98
CA ILE B 89 4.60 0.76 12.17
C ILE B 89 3.85 1.36 13.37
N LEU B 90 3.89 2.69 13.47
CA LEU B 90 3.12 3.39 14.50
C LEU B 90 1.62 3.18 14.33
N MET B 91 1.17 3.19 13.07
CA MET B 91 -0.26 3.07 12.79
C MET B 91 -0.80 1.67 13.07
N ILE B 92 -0.08 0.65 12.65
CA ILE B 92 -0.54 -0.73 12.86
C ILE B 92 -0.52 -1.06 14.34
N GLY B 93 0.37 -0.41 15.08
CA GLY B 93 0.43 -0.57 16.54
C GLY B 93 -0.78 0.07 17.19
N LEU B 94 -1.06 1.31 16.80
CA LEU B 94 -2.23 2.04 17.30
C LEU B 94 -3.51 1.28 17.02
N VAL B 95 -3.63 0.81 15.78
CA VAL B 95 -4.80 0.06 15.34
C VAL B 95 -4.97 -1.24 16.13
N TRP B 96 -3.85 -1.91 16.39
CA TRP B 96 -3.87 -3.16 17.14
C TRP B 96 -4.37 -2.99 18.58
N ARG B 97 -3.85 -1.98 19.27
CA ARG B 97 -4.22 -1.80 20.67
C ARG B 97 -5.54 -1.04 20.82
N SER B 98 -6.10 -0.60 19.70
CA SER B 98 -7.40 0.05 19.70
C SER B 98 -8.49 -0.94 19.29
N MET B 99 -8.10 -2.19 19.07
CA MET B 99 -9.00 -3.21 18.55
C MET B 99 -10.25 -3.41 19.42
N GLU B 100 -10.05 -3.53 20.72
CA GLU B 100 -11.16 -3.79 21.63
C GLU B 100 -11.75 -2.48 22.17
N HIS B 101 -11.57 -1.40 21.43
CA HIS B 101 -12.18 -0.12 21.76
C HIS B 101 -12.86 0.47 20.53
N PRO B 102 -14.02 -0.10 20.14
CA PRO B 102 -14.74 0.32 18.93
C PRO B 102 -15.04 1.81 18.89
N GLY B 103 -14.64 2.47 17.81
CA GLY B 103 -14.89 3.89 17.64
C GLY B 103 -13.92 4.76 18.43
N LYS B 104 -12.86 4.14 18.95
CA LYS B 104 -11.87 4.88 19.73
C LYS B 104 -10.44 4.50 19.36
N LEU B 105 -9.55 5.48 19.47
CA LEU B 105 -8.13 5.25 19.23
C LEU B 105 -7.34 5.33 20.52
N LEU B 106 -6.71 4.22 20.90
CA LEU B 106 -5.93 4.15 22.13
C LEU B 106 -4.46 4.49 21.87
N PHE B 107 -4.16 5.77 21.79
CA PHE B 107 -2.80 6.22 21.59
C PHE B 107 -1.94 5.83 22.79
N ALA B 108 -2.53 5.94 23.98
CA ALA B 108 -1.88 5.57 25.23
C ALA B 108 -2.96 5.19 26.23
N PRO B 109 -2.63 4.35 27.23
CA PRO B 109 -3.61 3.92 28.22
C PRO B 109 -4.35 5.07 28.89
N ASN B 110 -3.72 6.24 28.93
CA ASN B 110 -4.34 7.44 29.50
C ASN B 110 -4.76 8.43 28.42
N LEU B 111 -4.68 8.00 27.16
CA LEU B 111 -5.09 8.85 26.05
C LEU B 111 -5.94 8.07 25.04
N LEU B 112 -7.23 7.96 25.36
CA LEU B 112 -8.18 7.26 24.50
C LEU B 112 -9.10 8.27 23.82
N LEU B 113 -8.96 8.40 22.50
CA LEU B 113 -9.69 9.42 21.75
C LEU B 113 -10.74 8.85 20.80
N ASP B 114 -11.87 9.55 20.70
CA ASP B 114 -12.88 9.22 19.70
C ASP B 114 -12.68 10.10 18.47
N ARG B 115 -13.41 9.82 17.39
CA ARG B 115 -13.19 10.51 16.12
C ARG B 115 -13.57 12.00 16.19
N ASN B 116 -14.53 12.33 17.04
CA ASN B 116 -14.94 13.72 17.19
C ASN B 116 -13.84 14.57 17.83
N GLN B 117 -12.96 13.91 18.57
CA GLN B 117 -11.79 14.57 19.13
C GLN B 117 -10.69 14.70 18.08
N GLY B 118 -10.88 14.03 16.95
CA GLY B 118 -9.98 14.18 15.82
C GLY B 118 -10.26 15.49 15.11
N LYS B 119 -11.47 16.00 15.31
CA LYS B 119 -11.86 17.27 14.70
C LYS B 119 -11.13 18.45 15.34
N CYS B 120 -10.57 18.23 16.53
CA CYS B 120 -9.83 19.26 17.25
C CYS B 120 -8.66 19.80 16.42
N VAL B 121 -8.12 18.94 15.56
CA VAL B 121 -7.01 19.31 14.70
C VAL B 121 -7.46 19.30 13.23
N GLU B 122 -7.05 20.33 12.50
CA GLU B 122 -7.43 20.49 11.10
C GLU B 122 -7.02 19.30 10.23
N GLY B 123 -8.02 18.63 9.66
CA GLY B 123 -7.78 17.57 8.70
C GLY B 123 -7.27 16.26 9.28
N MET B 124 -7.49 16.04 10.58
CA MET B 124 -7.01 14.83 11.21
C MET B 124 -8.13 13.81 11.39
N VAL B 125 -9.37 14.27 11.37
CA VAL B 125 -10.52 13.38 11.54
C VAL B 125 -10.60 12.40 10.36
N GLU B 126 -10.13 12.82 9.20
CA GLU B 126 -10.08 11.96 8.03
C GLU B 126 -9.09 10.82 8.25
N ILE B 127 -7.97 11.13 8.88
CA ILE B 127 -6.97 10.13 9.21
C ILE B 127 -7.47 9.20 10.32
N PHE B 128 -8.16 9.78 11.29
CA PHE B 128 -8.77 8.99 12.37
C PHE B 128 -9.75 7.97 11.81
N ASP B 129 -10.57 8.40 10.87
CA ASP B 129 -11.58 7.53 10.25
C ASP B 129 -10.94 6.33 9.56
N MET B 130 -9.80 6.54 8.93
CA MET B 130 -9.09 5.47 8.25
C MET B 130 -8.48 4.49 9.25
N LEU B 131 -7.99 5.02 10.37
CA LEU B 131 -7.40 4.19 11.41
C LEU B 131 -8.46 3.35 12.11
N LEU B 132 -9.60 3.98 12.40
CA LEU B 132 -10.70 3.30 13.07
C LEU B 132 -11.27 2.16 12.23
N ALA B 133 -11.43 2.40 10.93
CA ALA B 133 -11.97 1.40 10.03
C ALA B 133 -11.03 0.19 9.92
N THR B 134 -9.73 0.47 9.98
CA THR B 134 -8.71 -0.58 9.96
C THR B 134 -8.79 -1.39 11.25
N SER B 135 -9.07 -0.71 12.36
CA SER B 135 -9.18 -1.36 13.65
C SER B 135 -10.43 -2.26 13.70
N SER B 136 -11.52 -1.77 13.12
CA SER B 136 -12.75 -2.55 13.04
C SER B 136 -12.53 -3.78 12.17
N ARG B 137 -11.68 -3.62 11.15
CA ARG B 137 -11.35 -4.74 10.26
C ARG B 137 -10.58 -5.83 11.01
N PHE B 138 -9.57 -5.43 11.77
CA PHE B 138 -8.81 -6.39 12.56
C PHE B 138 -9.68 -7.06 13.60
N ARG B 139 -10.60 -6.31 14.19
CA ARG B 139 -11.50 -6.83 15.21
C ARG B 139 -12.44 -7.88 14.63
N MET B 140 -12.93 -7.64 13.42
CA MET B 140 -13.84 -8.58 12.77
C MET B 140 -13.10 -9.82 12.28
N MET B 141 -11.81 -9.67 12.00
CA MET B 141 -10.99 -10.81 11.59
C MET B 141 -10.50 -11.60 12.80
N ASN B 142 -10.76 -11.07 14.00
CA ASN B 142 -10.27 -11.64 15.24
C ASN B 142 -8.75 -11.79 15.19
N LEU B 143 -8.07 -10.71 14.84
CA LEU B 143 -6.62 -10.69 14.70
C LEU B 143 -5.91 -11.10 15.99
N GLN B 144 -5.00 -12.06 15.88
CA GLN B 144 -4.26 -12.55 17.03
C GLN B 144 -2.97 -11.76 17.23
N GLY B 145 -2.47 -11.73 18.46
CA GLY B 145 -1.23 -11.04 18.77
C GLY B 145 -0.05 -11.62 18.02
N GLU B 146 -0.04 -12.93 17.84
CA GLU B 146 1.01 -13.61 17.09
C GLU B 146 0.96 -13.21 15.62
N GLU B 147 -0.25 -12.97 15.11
CA GLU B 147 -0.41 -12.51 13.74
C GLU B 147 0.01 -11.06 13.60
N PHE B 148 -0.26 -10.28 14.64
CA PHE B 148 0.07 -8.86 14.66
C PHE B 148 1.58 -8.62 14.57
N VAL B 149 2.35 -9.33 15.38
CA VAL B 149 3.80 -9.13 15.39
C VAL B 149 4.42 -9.56 14.07
N CYS B 150 3.81 -10.55 13.42
CA CYS B 150 4.28 -10.98 12.11
C CYS B 150 4.04 -9.89 11.06
N LEU B 151 2.85 -9.30 11.09
CA LEU B 151 2.50 -8.25 10.13
C LEU B 151 3.38 -7.01 10.27
N LYS B 152 3.66 -6.63 11.51
CA LYS B 152 4.46 -5.43 11.78
C LYS B 152 5.90 -5.62 11.30
N SER B 153 6.42 -6.82 11.47
CA SER B 153 7.78 -7.13 11.00
C SER B 153 7.83 -7.13 9.48
N ILE B 154 6.76 -7.62 8.85
CA ILE B 154 6.65 -7.62 7.40
C ILE B 154 6.69 -6.20 6.85
N ILE B 155 5.96 -5.29 7.50
CA ILE B 155 5.95 -3.88 7.11
C ILE B 155 7.36 -3.28 7.15
N LEU B 156 8.10 -3.59 8.22
CA LEU B 156 9.46 -3.08 8.39
C LEU B 156 10.38 -3.48 7.24
N LEU B 157 10.28 -4.75 6.83
CA LEU B 157 11.19 -5.31 5.84
C LEU B 157 10.73 -5.07 4.40
N ASN B 158 9.42 -4.95 4.19
CA ASN B 158 8.87 -4.89 2.85
C ASN B 158 8.69 -3.47 2.29
N SER B 159 8.26 -2.54 3.14
CA SER B 159 7.86 -1.21 2.67
C SER B 159 8.96 -0.45 1.94
N GLY B 160 10.22 -0.68 2.31
CA GLY B 160 11.32 0.06 1.74
C GLY B 160 12.21 -0.72 0.80
N VAL B 161 11.97 -2.02 0.67
CA VAL B 161 12.84 -2.90 -0.10
C VAL B 161 12.80 -2.60 -1.60
N TYR B 162 11.71 -2.01 -2.07
CA TYR B 162 11.55 -1.74 -3.50
C TYR B 162 12.35 -0.53 -3.94
N THR B 163 12.71 0.32 -2.98
CA THR B 163 13.43 1.55 -3.30
C THR B 163 14.90 1.48 -2.87
N PHE B 164 15.50 0.30 -2.99
CA PHE B 164 16.92 0.13 -2.71
C PHE B 164 17.75 0.52 -3.93
N THR B 168 22.25 -2.08 -7.43
CA THR B 168 23.04 -2.38 -8.61
C THR B 168 24.32 -3.13 -8.24
N LEU B 169 24.80 -2.91 -7.03
CA LEU B 169 26.03 -3.53 -6.55
C LEU B 169 25.82 -5.00 -6.20
N LYS B 170 26.53 -5.44 -5.17
CA LYS B 170 26.26 -6.73 -4.54
C LYS B 170 25.16 -6.53 -3.51
N SER B 171 24.49 -5.38 -3.58
CA SER B 171 23.31 -5.09 -2.77
C SER B 171 22.17 -6.04 -3.12
N LEU B 172 22.34 -6.82 -4.19
CA LEU B 172 21.43 -7.90 -4.54
C LEU B 172 21.41 -8.98 -3.46
N GLU B 173 22.51 -9.08 -2.73
CA GLU B 173 22.61 -9.99 -1.60
C GLU B 173 21.76 -9.50 -0.43
N GLU B 174 21.65 -8.19 -0.30
CA GLU B 174 20.85 -7.58 0.75
C GLU B 174 19.35 -7.80 0.51
N LYS B 175 18.91 -7.56 -0.71
CA LYS B 175 17.50 -7.72 -1.06
C LYS B 175 17.06 -9.17 -1.01
N ASP B 176 17.98 -10.08 -1.37
CA ASP B 176 17.70 -11.51 -1.33
C ASP B 176 17.51 -11.96 0.12
N HIS B 177 18.33 -11.42 1.02
CA HIS B 177 18.26 -11.76 2.43
C HIS B 177 16.94 -11.29 3.04
N ILE B 178 16.53 -10.08 2.69
CA ILE B 178 15.28 -9.51 3.17
C ILE B 178 14.09 -10.37 2.73
N HIS B 179 14.15 -10.87 1.50
CA HIS B 179 13.06 -11.69 0.95
C HIS B 179 13.04 -13.10 1.53
N ARG B 180 14.20 -13.61 1.94
CA ARG B 180 14.26 -14.91 2.59
C ARG B 180 13.58 -14.85 3.95
N VAL B 181 13.81 -13.76 4.67
CA VAL B 181 13.22 -13.55 5.98
C VAL B 181 11.72 -13.31 5.84
N LEU B 182 11.32 -12.62 4.78
CA LEU B 182 9.91 -12.35 4.52
C LEU B 182 9.14 -13.66 4.30
N ASP B 183 9.71 -14.56 3.52
CA ASP B 183 9.12 -15.88 3.30
C ASP B 183 9.00 -16.64 4.62
N LYS B 184 9.98 -16.44 5.49
CA LYS B 184 9.99 -17.08 6.81
C LYS B 184 8.83 -16.62 7.65
N ILE B 185 8.54 -15.32 7.61
CA ILE B 185 7.41 -14.76 8.35
C ILE B 185 6.10 -15.24 7.75
N THR B 186 6.09 -15.45 6.44
CA THR B 186 4.91 -15.99 5.76
C THR B 186 4.64 -17.42 6.21
N ASP B 187 5.70 -18.23 6.27
CA ASP B 187 5.59 -19.60 6.78
C ASP B 187 5.06 -19.58 8.21
N THR B 188 5.49 -18.57 8.96
CA THR B 188 5.08 -18.42 10.37
C THR B 188 3.60 -18.10 10.48
N LEU B 189 3.14 -17.14 9.66
CA LEU B 189 1.73 -16.77 9.63
C LEU B 189 0.85 -17.97 9.28
N ILE B 190 1.28 -18.74 8.29
CA ILE B 190 0.55 -19.93 7.87
C ILE B 190 0.55 -20.98 8.98
N HIS B 191 1.71 -21.15 9.62
CA HIS B 191 1.85 -22.07 10.74
C HIS B 191 0.87 -21.76 11.87
N LEU B 192 0.69 -20.47 12.15
CA LEU B 192 -0.24 -20.03 13.17
C LEU B 192 -1.68 -20.38 12.81
N MET B 193 -2.01 -20.21 11.53
CA MET B 193 -3.36 -20.49 11.06
C MET B 193 -3.64 -21.99 11.00
N ALA B 194 -2.63 -22.74 10.57
CA ALA B 194 -2.73 -24.20 10.56
C ALA B 194 -2.91 -24.72 11.98
N LYS B 195 -2.21 -24.10 12.92
CA LYS B 195 -2.32 -24.48 14.32
C LYS B 195 -3.66 -24.04 14.90
N ALA B 196 -4.24 -23.01 14.30
CA ALA B 196 -5.55 -22.51 14.72
C ALA B 196 -6.68 -23.41 14.23
N GLY B 197 -6.33 -24.41 13.42
CA GLY B 197 -7.31 -25.36 12.92
C GLY B 197 -7.90 -24.99 11.58
N LEU B 198 -7.42 -23.91 11.00
CA LEU B 198 -7.91 -23.46 9.69
C LEU B 198 -7.52 -24.42 8.59
N THR B 199 -8.42 -24.62 7.63
CA THR B 199 -8.12 -25.50 6.50
C THR B 199 -7.19 -24.79 5.53
N LEU B 200 -6.66 -25.54 4.57
CA LEU B 200 -5.72 -25.03 3.60
C LEU B 200 -6.29 -23.84 2.83
N GLN B 201 -7.55 -23.97 2.40
CA GLN B 201 -8.22 -22.90 1.68
C GLN B 201 -8.40 -21.68 2.57
N GLN B 202 -8.73 -21.92 3.84
CA GLN B 202 -8.93 -20.85 4.80
C GLN B 202 -7.62 -20.17 5.16
N GLN B 203 -6.54 -20.95 5.23
CA GLN B 203 -5.22 -20.42 5.51
C GLN B 203 -4.79 -19.40 4.46
N HIS B 204 -4.92 -19.78 3.19
CA HIS B 204 -4.51 -18.91 2.08
C HIS B 204 -5.40 -17.67 1.99
N GLN B 205 -6.69 -17.83 2.27
CA GLN B 205 -7.62 -16.72 2.25
C GLN B 205 -7.31 -15.69 3.33
N ARG B 206 -7.10 -16.16 4.55
CA ARG B 206 -6.80 -15.27 5.66
C ARG B 206 -5.47 -14.56 5.46
N LEU B 207 -4.49 -15.29 4.93
CA LEU B 207 -3.18 -14.70 4.62
C LEU B 207 -3.34 -13.54 3.65
N ALA B 208 -4.12 -13.75 2.60
CA ALA B 208 -4.38 -12.72 1.60
C ALA B 208 -5.09 -11.52 2.22
N GLN B 209 -6.06 -11.80 3.10
CA GLN B 209 -6.83 -10.74 3.75
C GLN B 209 -5.94 -9.84 4.59
N LEU B 210 -5.02 -10.43 5.34
CA LEU B 210 -4.15 -9.68 6.24
C LEU B 210 -3.16 -8.81 5.47
N LEU B 211 -2.64 -9.34 4.37
CA LEU B 211 -1.63 -8.63 3.59
C LEU B 211 -2.22 -7.49 2.77
N LEU B 212 -3.48 -7.63 2.36
CA LEU B 212 -4.16 -6.58 1.60
C LEU B 212 -4.47 -5.38 2.48
N ILE B 213 -4.57 -5.62 3.79
CA ILE B 213 -4.78 -4.55 4.75
C ILE B 213 -3.53 -3.67 4.82
N LEU B 214 -2.37 -4.29 4.60
CA LEU B 214 -1.11 -3.55 4.57
C LEU B 214 -1.07 -2.54 3.42
N SER B 215 -1.89 -2.77 2.40
CA SER B 215 -2.03 -1.81 1.31
C SER B 215 -2.72 -0.55 1.80
N HIS B 216 -3.72 -0.74 2.67
CA HIS B 216 -4.44 0.38 3.25
C HIS B 216 -3.60 1.12 4.28
N ILE B 217 -2.78 0.36 5.02
CA ILE B 217 -1.88 0.93 6.01
C ILE B 217 -0.83 1.81 5.32
N ARG B 218 -0.33 1.35 4.19
CA ARG B 218 0.58 2.16 3.38
C ARG B 218 -0.10 3.47 2.97
N HIS B 219 -1.35 3.36 2.56
CA HIS B 219 -2.14 4.51 2.14
C HIS B 219 -2.34 5.52 3.27
N MET B 220 -2.57 5.02 4.49
CA MET B 220 -2.77 5.88 5.65
C MET B 220 -1.48 6.61 6.01
N SER B 221 -0.36 5.92 5.90
CA SER B 221 0.94 6.51 6.20
C SER B 221 1.25 7.68 5.27
N ASN B 222 0.99 7.49 3.98
CA ASN B 222 1.21 8.53 2.99
C ASN B 222 0.36 9.76 3.29
N LYS B 223 -0.87 9.53 3.70
CA LYS B 223 -1.76 10.63 4.06
C LYS B 223 -1.31 11.29 5.35
N GLY B 224 -0.91 10.48 6.33
CA GLY B 224 -0.43 11.00 7.60
C GLY B 224 0.84 11.81 7.46
N MET B 225 1.74 11.36 6.59
CA MET B 225 3.00 12.04 6.35
C MET B 225 2.76 13.43 5.78
N GLU B 226 1.79 13.53 4.87
CA GLU B 226 1.41 14.81 4.28
C GLU B 226 0.81 15.75 5.33
N HIS B 227 -0.06 15.20 6.18
CA HIS B 227 -0.69 15.99 7.23
C HIS B 227 0.32 16.50 8.24
N LEU B 228 1.20 15.60 8.69
CA LEU B 228 2.26 15.96 9.63
C LEU B 228 3.19 17.01 9.02
N TYR B 229 3.36 16.94 7.70
CA TYR B 229 4.20 17.92 7.00
C TYR B 229 3.54 19.30 6.99
N SER B 230 2.22 19.31 6.79
CA SER B 230 1.47 20.57 6.75
C SER B 230 1.43 21.23 8.13
N MET B 231 1.41 20.41 9.18
CA MET B 231 1.43 20.93 10.54
C MET B 231 2.82 21.43 10.89
N LYS B 232 3.84 20.80 10.28
CA LYS B 232 5.22 21.17 10.52
C LYS B 232 5.56 22.56 9.94
N CYS B 233 5.02 22.85 8.76
CA CYS B 233 5.36 24.07 8.05
C CYS B 233 4.75 25.34 8.66
N LYS B 234 3.61 25.21 9.31
CA LYS B 234 2.93 26.37 9.88
C LYS B 234 3.34 26.62 11.33
N ASN B 235 4.22 25.75 11.83
CA ASN B 235 4.79 25.87 13.17
C ASN B 235 3.73 25.92 14.28
N VAL B 236 2.65 25.18 14.10
CA VAL B 236 1.64 25.05 15.15
C VAL B 236 2.21 24.23 16.31
N VAL B 237 3.00 23.22 15.97
CA VAL B 237 3.54 22.29 16.94
C VAL B 237 5.05 22.19 16.81
N PRO B 238 5.77 22.12 17.94
CA PRO B 238 7.20 21.87 17.89
C PRO B 238 7.51 20.39 17.71
N LEU B 239 8.28 20.05 16.68
CA LEU B 239 8.62 18.66 16.41
C LEU B 239 10.07 18.39 16.80
N SER B 240 10.31 17.21 17.39
CA SER B 240 11.66 16.83 17.80
C SER B 240 12.56 16.68 16.59
N ASP B 241 13.87 16.82 16.80
CA ASP B 241 14.83 16.70 15.71
C ASP B 241 14.77 15.32 15.07
N LEU B 242 14.57 14.29 15.87
CA LEU B 242 14.44 12.94 15.36
C LEU B 242 13.21 12.80 14.46
N LEU B 243 12.08 13.34 14.92
CA LEU B 243 10.84 13.27 14.16
C LEU B 243 10.95 14.04 12.85
N LEU B 244 11.56 15.22 12.90
CA LEU B 244 11.74 16.05 11.72
C LEU B 244 12.57 15.36 10.65
N GLU B 245 13.56 14.59 11.09
CA GLU B 245 14.44 13.88 10.18
C GLU B 245 13.73 12.71 9.51
N MET B 246 12.93 11.98 10.28
CA MET B 246 12.15 10.88 9.75
C MET B 246 11.16 11.38 8.72
N LEU B 247 10.62 12.57 8.97
CA LEU B 247 9.70 13.22 8.04
C LEU B 247 10.44 13.70 6.79
N ASP B 248 11.67 14.17 6.99
CA ASP B 248 12.47 14.71 5.91
C ASP B 248 12.88 13.63 4.91
N ALA B 249 12.95 12.39 5.39
CA ALA B 249 13.38 11.27 4.56
C ALA B 249 12.39 10.95 3.45
N HIS B 250 11.15 11.38 3.63
CA HIS B 250 10.11 11.13 2.64
C HIS B 250 10.04 12.26 1.62
N ARG B 251 10.76 13.34 1.90
CA ARG B 251 10.86 14.50 1.01
C ARG B 251 9.49 14.95 0.51
N LEU B 252 8.77 15.68 1.35
CA LEU B 252 7.39 16.09 1.09
C LEU B 252 6.48 14.86 0.98
N HIS C 2 -24.19 15.33 -13.32
CA HIS C 2 -23.26 15.11 -12.21
C HIS C 2 -21.90 14.62 -12.70
N LYS C 3 -21.35 13.63 -12.00
CA LYS C 3 -20.03 13.12 -12.31
C LYS C 3 -19.99 12.37 -13.63
N ILE C 4 -18.90 12.56 -14.37
CA ILE C 4 -18.72 11.91 -15.66
C ILE C 4 -18.54 10.41 -15.48
N LEU C 5 -17.79 10.04 -14.45
CA LEU C 5 -17.57 8.63 -14.12
C LEU C 5 -18.91 7.94 -13.85
N HIS C 6 -19.78 8.64 -13.13
CA HIS C 6 -21.12 8.13 -12.83
C HIS C 6 -21.92 7.86 -14.10
N ARG C 7 -21.81 8.77 -15.07
CA ARG C 7 -22.51 8.64 -16.34
C ARG C 7 -21.92 7.50 -17.19
N LEU C 8 -20.59 7.41 -17.19
CA LEU C 8 -19.89 6.43 -18.02
C LEU C 8 -20.12 5.01 -17.53
N LEU C 9 -20.41 4.86 -16.25
CA LEU C 9 -20.61 3.54 -15.66
C LEU C 9 -21.98 2.94 -16.00
N GLN C 10 -22.79 3.68 -16.75
CA GLN C 10 -24.10 3.19 -17.19
C GLN C 10 -24.35 3.48 -18.66
N ASP C 11 -23.27 3.56 -19.43
CA ASP C 11 -23.37 3.75 -20.87
C ASP C 11 -22.64 2.62 -21.59
N HIS D 2 25.62 10.43 10.23
CA HIS D 2 25.55 11.69 10.95
C HIS D 2 24.12 11.96 11.44
N LYS D 3 23.17 11.32 10.77
CA LYS D 3 21.75 11.45 11.12
C LYS D 3 21.50 10.92 12.54
N ILE D 4 20.44 11.39 13.17
CA ILE D 4 20.09 10.92 14.50
C ILE D 4 19.75 9.43 14.47
N LEU D 5 19.06 9.02 13.41
CA LEU D 5 18.68 7.62 13.22
C LEU D 5 19.92 6.74 13.11
N HIS D 6 20.98 7.27 12.50
CA HIS D 6 22.26 6.57 12.44
C HIS D 6 22.79 6.27 13.83
N ARG D 7 22.80 7.28 14.68
CA ARG D 7 23.32 7.17 16.04
C ARG D 7 22.52 6.19 16.89
N LEU D 8 21.19 6.21 16.72
CA LEU D 8 20.31 5.38 17.52
C LEU D 8 20.39 3.91 17.11
N LEU D 9 20.70 3.65 15.85
CA LEU D 9 20.86 2.29 15.37
C LEU D 9 22.19 1.69 15.86
N GLN D 10 23.16 2.56 16.12
CA GLN D 10 24.43 2.13 16.68
C GLN D 10 24.43 2.20 18.20
N ASP D 11 23.41 2.85 18.76
CA ASP D 11 23.32 3.16 20.19
C ASP D 11 24.49 4.02 20.63
C01 5CE E . -0.60 6.26 -18.31
C02 5CE E . -0.37 4.99 -17.94
C03 5CE E . 0.31 4.80 -16.82
C04 5CE E . 0.79 5.80 -16.04
C05 5CE E . 0.56 7.09 -16.42
C06 5CE E . -0.14 7.27 -17.56
C07 5CE E . 1.05 8.30 -15.62
C08 5CE E . 0.05 9.39 -15.20
C09 5CE E . 0.62 10.55 -14.34
C10 5CE E . 1.97 11.10 -14.85
C11 5CE E . 2.91 9.99 -15.35
C12 5CE E . 2.26 8.99 -16.29
C13 5CE E . 0.92 10.07 -12.91
C14 5CE E . 2.14 10.89 -12.43
C15 5CE E . 2.49 11.83 -13.59
C16 5CE E . 1.74 12.09 -16.01
O01 5CE E . 1.91 13.09 -13.42
O02 5CE E . -0.83 3.94 -18.68
C17 5CE E . 1.55 5.36 -14.79
F01 5CE E . 1.71 4.05 -14.65
F02 5CE E . 0.91 5.80 -13.72
F03 5CE E . 2.77 5.88 -14.74
C01 5CE F . 1.44 8.09 17.66
C02 5CE F . 1.04 6.84 17.41
C03 5CE F . 0.34 6.64 16.29
C04 5CE F . 0.02 7.62 15.42
C05 5CE F . 0.43 8.89 15.68
C06 5CE F . 1.14 9.08 16.82
C07 5CE F . 0.13 10.09 14.76
C08 5CE F . 1.27 10.96 14.23
C09 5CE F . 0.89 12.10 13.26
C10 5CE F . -0.36 12.92 13.70
C11 5CE F . -1.45 12.04 14.32
C12 5CE F . -0.93 11.03 15.36
C13 5CE F . 0.50 11.55 11.87
C14 5CE F . -0.59 12.48 11.32
C15 5CE F . -0.77 13.57 12.37
C16 5CE F . 0.05 14.00 14.73
O01 5CE F . -0.01 14.71 12.07
O02 5CE F . 1.33 5.80 18.25
C17 5CE F . -0.78 7.16 14.21
F01 5CE F . -1.18 5.90 14.21
F02 5CE F . -0.07 7.35 13.11
F03 5CE F . -1.90 7.88 14.06
#